data_4HT8
#
_entry.id   4HT8
#
_cell.length_a   103.990
_cell.length_b   40.710
_cell.length_c   100.850
_cell.angle_alpha   90.000
_cell.angle_beta   101.360
_cell.angle_gamma   90.000
#
_symmetry.space_group_name_H-M   'C 1 2 1'
#
loop_
_entity.id
_entity.type
_entity.pdbx_description
1 polymer 'Protein hfq'
2 polymer "RNA (5'-R(*AP*AP*AP*AP*AP*AP*A)-3')"
3 water water
#
loop_
_entity_poly.entity_id
_entity_poly.type
_entity_poly.pdbx_seq_one_letter_code
_entity_poly.pdbx_strand_id
1 'polypeptide(L)' MAKGQSLQDPFLNALRRERVPVSIYLVNGIKLQGQIESFDQFVILLKNTVSQMVYKHAISTVVPS A,B,C,D,E,F
2 'polyribonucleotide' AAAAAAA I,K
#
loop_
_chem_comp.id
_chem_comp.type
_chem_comp.name
_chem_comp.formula
A RNA linking ADENOSINE-5'-MONOPHOSPHATE 'C10 H14 N5 O7 P'
#
# COMPACT_ATOMS: atom_id res chain seq x y z
N GLN A 5 15.77 12.29 -6.17
CA GLN A 5 14.39 12.58 -6.63
C GLN A 5 14.35 14.07 -6.90
N SER A 6 14.50 14.42 -8.17
CA SER A 6 14.79 15.80 -8.58
C SER A 6 13.72 16.82 -8.19
N LEU A 7 12.56 16.35 -7.73
CA LEU A 7 11.56 17.24 -7.14
C LEU A 7 11.47 17.03 -5.63
N GLN A 8 11.43 15.77 -5.21
CA GLN A 8 11.29 15.41 -3.82
C GLN A 8 12.42 15.93 -2.90
N ASP A 9 13.68 15.74 -3.33
CA ASP A 9 14.81 16.15 -2.51
CA ASP A 9 14.85 16.15 -2.54
C ASP A 9 14.90 17.68 -2.32
N PRO A 10 14.78 18.49 -3.42
CA PRO A 10 14.83 19.94 -3.17
C PRO A 10 13.69 20.45 -2.30
N PHE A 11 12.51 19.83 -2.44
CA PHE A 11 11.35 20.27 -1.66
C PHE A 11 11.57 20.02 -0.18
N LEU A 12 12.01 18.81 0.16
CA LEU A 12 12.31 18.50 1.56
C LEU A 12 13.56 19.25 2.07
N ASN A 13 14.58 19.38 1.24
CA ASN A 13 15.79 20.11 1.61
C ASN A 13 15.46 21.54 2.07
N ALA A 14 14.58 22.22 1.33
CA ALA A 14 14.28 23.61 1.64
C ALA A 14 13.59 23.71 3.00
N LEU A 15 12.66 22.78 3.28
CA LEU A 15 11.94 22.76 4.56
C LEU A 15 12.91 22.46 5.71
N ARG A 16 13.82 21.49 5.51
CA ARG A 16 14.79 21.15 6.55
C ARG A 16 15.79 22.28 6.84
N ARG A 17 16.43 22.77 5.79
CA ARG A 17 17.44 23.83 5.92
C ARG A 17 16.86 25.11 6.52
N GLU A 18 15.65 25.45 6.11
CA GLU A 18 15.02 26.69 6.59
C GLU A 18 14.20 26.51 7.88
N ARG A 19 14.17 25.27 8.39
CA ARG A 19 13.53 24.95 9.67
C ARG A 19 12.06 25.39 9.65
N VAL A 20 11.39 25.06 8.56
CA VAL A 20 10.01 25.52 8.30
C VAL A 20 9.05 24.59 9.04
N PRO A 21 8.12 25.14 9.87
CA PRO A 21 7.12 24.21 10.42
C PRO A 21 6.33 23.52 9.30
N VAL A 22 6.22 22.20 9.34
N VAL A 22 6.17 22.21 9.39
CA VAL A 22 5.53 21.48 8.28
CA VAL A 22 5.59 21.42 8.31
C VAL A 22 4.34 20.69 8.81
C VAL A 22 4.38 20.62 8.80
N SER A 23 3.44 20.37 7.88
CA SER A 23 2.33 19.48 8.15
C SER A 23 2.48 18.27 7.23
N ILE A 24 2.50 17.08 7.80
CA ILE A 24 2.55 15.84 7.01
C ILE A 24 1.23 15.13 7.16
N TYR A 25 0.47 15.06 6.07
CA TYR A 25 -0.77 14.32 6.10
C TYR A 25 -0.44 12.89 5.75
N LEU A 26 -0.90 11.96 6.59
CA LEU A 26 -0.69 10.56 6.32
C LEU A 26 -1.79 10.04 5.37
N VAL A 27 -1.56 8.88 4.77
CA VAL A 27 -2.55 8.32 3.84
C VAL A 27 -3.86 7.98 4.53
N ASN A 28 -3.82 7.85 5.86
CA ASN A 28 -5.02 7.56 6.61
C ASN A 28 -5.77 8.83 7.05
N GLY A 29 -5.28 9.99 6.63
CA GLY A 29 -5.93 11.26 7.01
C GLY A 29 -5.40 11.96 8.25
N ILE A 30 -4.58 11.27 9.05
CA ILE A 30 -3.99 11.86 10.27
C ILE A 30 -2.90 12.89 9.89
N LYS A 31 -2.89 14.04 10.55
CA LYS A 31 -1.93 15.10 10.21
C LYS A 31 -0.89 15.20 11.32
N LEU A 32 0.39 15.05 10.94
CA LEU A 32 1.49 15.25 11.87
C LEU A 32 2.10 16.63 11.64
N GLN A 33 2.60 17.26 12.69
CA GLN A 33 3.28 18.55 12.54
C GLN A 33 4.63 18.59 13.26
N GLY A 34 5.57 19.34 12.71
CA GLY A 34 6.86 19.52 13.36
C GLY A 34 7.85 20.09 12.37
N GLN A 35 9.15 19.95 12.64
CA GLN A 35 10.16 20.33 11.67
C GLN A 35 10.88 19.11 11.14
N ILE A 36 11.28 19.17 9.87
CA ILE A 36 11.99 18.03 9.25
C ILE A 36 13.42 18.04 9.73
N GLU A 37 13.80 16.99 10.45
CA GLU A 37 15.15 16.90 11.01
C GLU A 37 16.13 16.34 9.98
N SER A 38 15.66 15.37 9.19
CA SER A 38 16.48 14.69 8.18
C SER A 38 15.55 13.77 7.38
N PHE A 39 16.03 13.21 6.28
CA PHE A 39 15.22 12.25 5.53
C PHE A 39 16.14 11.44 4.65
N ASP A 40 15.68 10.25 4.27
CA ASP A 40 16.45 9.41 3.34
C ASP A 40 15.51 8.85 2.29
N GLN A 41 15.89 7.75 1.65
CA GLN A 41 15.07 7.17 0.57
C GLN A 41 13.69 6.75 1.08
N PHE A 42 13.61 6.34 2.34
CA PHE A 42 12.40 5.67 2.84
C PHE A 42 11.68 6.35 3.98
N VAL A 43 12.37 7.19 4.75
CA VAL A 43 11.77 7.83 5.95
C VAL A 43 12.09 9.30 6.05
N ILE A 44 11.27 10.00 6.85
CA ILE A 44 11.49 11.38 7.28
C ILE A 44 11.52 11.38 8.81
N LEU A 45 12.55 11.99 9.37
CA LEU A 45 12.58 12.19 10.79
C LEU A 45 11.94 13.54 11.09
N LEU A 46 10.87 13.51 11.87
CA LEU A 46 10.06 14.71 12.14
C LEU A 46 10.22 15.03 13.61
N LYS A 47 10.62 16.26 13.90
CA LYS A 47 10.89 16.60 15.28
C LYS A 47 9.94 17.67 15.82
N ASN A 48 9.45 17.43 17.02
CA ASN A 48 8.57 18.37 17.68
C ASN A 48 9.00 18.39 19.15
N THR A 49 8.21 17.79 20.03
CA THR A 49 8.65 17.58 21.43
C THR A 49 9.63 16.39 21.53
N VAL A 50 9.54 15.46 20.57
CA VAL A 50 10.50 14.35 20.38
C VAL A 50 10.78 14.17 18.87
N SER A 51 11.82 13.40 18.51
CA SER A 51 12.05 13.00 17.11
C SER A 51 11.34 11.66 16.80
N GLN A 52 10.45 11.66 15.79
CA GLN A 52 9.82 10.41 15.38
C GLN A 52 10.19 10.07 13.94
N MET A 53 10.19 8.78 13.64
CA MET A 53 10.51 8.32 12.29
C MET A 53 9.21 8.02 11.53
N VAL A 54 9.00 8.72 10.42
CA VAL A 54 7.80 8.58 9.62
C VAL A 54 8.15 7.85 8.32
N TYR A 55 7.52 6.71 8.06
CA TYR A 55 7.72 6.05 6.75
C TYR A 55 7.08 6.83 5.61
N LYS A 56 7.82 7.06 4.52
CA LYS A 56 7.25 7.77 3.37
C LYS A 56 6.09 7.01 2.76
N HIS A 57 6.12 5.68 2.77
CA HIS A 57 4.99 4.89 2.24
C HIS A 57 3.66 5.21 2.92
N ALA A 58 3.74 5.76 4.15
CA ALA A 58 2.53 6.12 4.90
C ALA A 58 2.10 7.58 4.74
N ILE A 59 2.85 8.36 3.97
CA ILE A 59 2.57 9.77 3.79
C ILE A 59 1.77 10.02 2.54
N SER A 60 0.74 10.87 2.63
CA SER A 60 0.11 11.39 1.43
C SER A 60 0.76 12.68 0.94
N THR A 61 0.84 13.69 1.82
CA THR A 61 1.22 15.02 1.33
C THR A 61 2.06 15.72 2.39
N VAL A 62 3.08 16.46 1.93
CA VAL A 62 3.87 17.30 2.80
C VAL A 62 3.69 18.73 2.37
N VAL A 63 3.43 19.63 3.32
CA VAL A 63 3.22 21.04 3.00
C VAL A 63 3.71 21.91 4.16
N PRO A 64 4.24 23.12 3.88
CA PRO A 64 4.53 24.02 5.00
C PRO A 64 3.23 24.37 5.70
N SER A 65 3.24 24.39 7.02
N SER A 65 3.26 24.40 7.03
CA SER A 65 2.02 24.69 7.80
CA SER A 65 2.08 24.78 7.81
C SER A 65 1.56 26.13 7.56
C SER A 65 1.75 26.27 7.66
N SER B 6 5.24 4.39 -21.59
CA SER B 6 4.63 5.40 -20.68
C SER B 6 3.57 6.26 -21.36
N LEU B 7 2.48 6.46 -20.61
CA LEU B 7 1.45 7.43 -20.95
C LEU B 7 1.27 8.38 -19.78
N GLN B 8 1.85 8.02 -18.64
CA GLN B 8 1.77 8.83 -17.44
C GLN B 8 2.50 10.19 -17.57
N ASP B 9 3.71 10.18 -18.12
CA ASP B 9 4.49 11.40 -18.24
C ASP B 9 3.88 12.37 -19.27
N PRO B 10 3.53 11.89 -20.48
CA PRO B 10 2.85 12.81 -21.41
C PRO B 10 1.50 13.32 -20.87
N PHE B 11 0.77 12.48 -20.14
CA PHE B 11 -0.49 12.91 -19.49
C PHE B 11 -0.23 14.04 -18.48
N LEU B 12 0.72 13.83 -17.58
CA LEU B 12 1.04 14.83 -16.58
C LEU B 12 1.70 16.07 -17.22
N ASN B 13 2.58 15.82 -18.18
CA ASN B 13 3.27 16.91 -18.88
C ASN B 13 2.32 17.88 -19.60
N ALA B 14 1.30 17.31 -20.26
CA ALA B 14 0.29 18.12 -20.96
C ALA B 14 -0.49 18.97 -19.98
N LEU B 15 -0.90 18.37 -18.86
CA LEU B 15 -1.56 19.09 -17.79
C LEU B 15 -0.71 20.24 -17.24
N ARG B 16 0.57 19.97 -17.01
CA ARG B 16 1.49 20.98 -16.51
C ARG B 16 1.70 22.09 -17.54
N ARG B 17 2.05 21.69 -18.76
CA ARG B 17 2.37 22.64 -19.83
C ARG B 17 1.20 23.57 -20.15
N GLU B 18 -0.02 23.03 -20.15
CA GLU B 18 -1.22 23.78 -20.50
C GLU B 18 -1.93 24.35 -19.27
N ARG B 19 -1.30 24.21 -18.09
CA ARG B 19 -1.81 24.75 -16.82
C ARG B 19 -3.29 24.40 -16.57
N VAL B 20 -3.67 23.16 -16.83
CA VAL B 20 -5.09 22.79 -16.72
C VAL B 20 -5.46 22.49 -15.27
N PRO B 21 -6.59 23.07 -14.80
CA PRO B 21 -7.04 22.81 -13.43
C PRO B 21 -7.39 21.34 -13.25
N VAL B 22 -6.77 20.71 -12.25
CA VAL B 22 -6.91 19.28 -12.04
C VAL B 22 -7.55 18.95 -10.69
N SER B 23 -8.22 17.80 -10.65
CA SER B 23 -8.58 17.16 -9.39
C SER B 23 -7.67 15.95 -9.22
N ILE B 24 -7.09 15.80 -8.04
CA ILE B 24 -6.29 14.62 -7.67
C ILE B 24 -7.06 13.91 -6.54
N TYR B 25 -7.57 12.73 -6.83
CA TYR B 25 -8.28 11.97 -5.81
C TYR B 25 -7.28 11.03 -5.13
N LEU B 26 -7.30 11.04 -3.81
CA LEU B 26 -6.38 10.23 -3.04
C LEU B 26 -6.99 8.89 -2.69
N VAL B 27 -6.15 7.97 -2.27
CA VAL B 27 -6.62 6.63 -1.90
C VAL B 27 -7.54 6.66 -0.68
N ASN B 28 -7.46 7.71 0.13
CA ASN B 28 -8.35 7.83 1.30
C ASN B 28 -9.66 8.56 0.94
N GLY B 29 -9.85 8.82 -0.34
CA GLY B 29 -11.11 9.40 -0.86
C GLY B 29 -11.14 10.92 -0.87
N ILE B 30 -10.08 11.55 -0.38
CA ILE B 30 -9.97 13.01 -0.33
C ILE B 30 -9.69 13.54 -1.71
N LYS B 31 -10.34 14.64 -2.09
CA LYS B 31 -10.08 15.26 -3.37
C LYS B 31 -9.28 16.55 -3.19
N LEU B 32 -8.15 16.61 -3.89
CA LEU B 32 -7.32 17.81 -3.95
C LEU B 32 -7.52 18.48 -5.30
N GLN B 33 -7.37 19.81 -5.31
CA GLN B 33 -7.54 20.55 -6.57
C GLN B 33 -6.40 21.52 -6.72
N GLY B 34 -5.99 21.74 -7.96
CA GLY B 34 -4.99 22.76 -8.27
C GLY B 34 -4.40 22.58 -9.64
N GLN B 35 -3.18 23.06 -9.81
CA GLN B 35 -2.45 22.92 -11.08
C GLN B 35 -1.23 22.04 -10.83
N ILE B 36 -0.88 21.22 -11.80
CA ILE B 36 0.34 20.45 -11.68
C ILE B 36 1.52 21.37 -11.98
N GLU B 37 2.31 21.62 -10.93
CA GLU B 37 3.50 22.44 -11.02
C GLU B 37 4.66 21.67 -11.61
N SER B 38 4.85 20.45 -11.10
CA SER B 38 5.97 19.61 -11.53
C SER B 38 5.73 18.20 -11.02
N PHE B 39 6.55 17.26 -11.44
CA PHE B 39 6.42 15.90 -10.98
C PHE B 39 7.71 15.17 -11.29
N ASP B 40 7.97 14.10 -10.54
CA ASP B 40 9.08 13.22 -10.85
C ASP B 40 8.58 11.76 -10.73
N GLN B 41 9.50 10.82 -10.55
CA GLN B 41 9.12 9.41 -10.49
C GLN B 41 8.16 9.12 -9.34
N PHE B 42 8.31 9.84 -8.23
CA PHE B 42 7.56 9.47 -7.01
C PHE B 42 6.52 10.45 -6.50
N VAL B 43 6.64 11.72 -6.88
CA VAL B 43 5.75 12.76 -6.35
C VAL B 43 5.22 13.69 -7.43
N ILE B 44 4.13 14.36 -7.08
CA ILE B 44 3.60 15.46 -7.87
C ILE B 44 3.51 16.67 -6.98
N LEU B 45 3.96 17.81 -7.51
CA LEU B 45 3.81 19.08 -6.82
C LEU B 45 2.53 19.72 -7.34
N LEU B 46 1.58 19.87 -6.43
CA LEU B 46 0.26 20.41 -6.76
C LEU B 46 0.17 21.82 -6.19
N LYS B 47 -0.18 22.78 -7.03
CA LYS B 47 -0.30 24.18 -6.60
C LYS B 47 -1.75 24.65 -6.58
N ASN B 48 -2.23 25.05 -5.40
CA ASN B 48 -3.52 25.73 -5.28
C ASN B 48 -3.28 27.03 -4.53
N THR B 49 -3.69 27.10 -3.25
CA THR B 49 -3.32 28.26 -2.42
C THR B 49 -1.88 28.15 -1.89
N VAL B 50 -1.29 26.95 -1.99
CA VAL B 50 0.12 26.66 -1.65
C VAL B 50 0.62 25.56 -2.55
N SER B 51 1.94 25.40 -2.61
N SER B 51 1.94 25.41 -2.61
CA SER B 51 2.55 24.24 -3.25
CA SER B 51 2.57 24.26 -3.24
C SER B 51 2.74 23.12 -2.24
C SER B 51 2.75 23.13 -2.24
N GLN B 52 2.14 21.98 -2.54
CA GLN B 52 2.19 20.79 -1.70
C GLN B 52 2.73 19.60 -2.48
N MET B 53 3.52 18.78 -1.79
CA MET B 53 4.14 17.60 -2.42
C MET B 53 3.28 16.39 -2.13
N VAL B 54 2.76 15.77 -3.18
CA VAL B 54 1.86 14.64 -3.01
C VAL B 54 2.57 13.38 -3.48
N TYR B 55 2.61 12.35 -2.64
CA TYR B 55 3.27 11.11 -3.09
C TYR B 55 2.32 10.38 -4.04
N LYS B 56 2.82 9.94 -5.20
CA LYS B 56 2.00 9.19 -6.16
C LYS B 56 1.34 7.95 -5.53
N HIS B 57 2.03 7.28 -4.63
CA HIS B 57 1.50 6.07 -3.97
C HIS B 57 0.20 6.37 -3.21
N ALA B 58 -0.04 7.65 -2.88
CA ALA B 58 -1.25 8.02 -2.15
C ALA B 58 -2.39 8.44 -3.10
N ILE B 59 -2.11 8.46 -4.40
CA ILE B 59 -3.06 9.01 -5.37
C ILE B 59 -3.86 7.89 -6.05
N SER B 60 -5.18 8.07 -6.14
N SER B 60 -5.18 8.05 -6.17
CA SER B 60 -6.01 7.18 -6.97
CA SER B 60 -5.95 7.12 -6.98
C SER B 60 -6.04 7.63 -8.42
C SER B 60 -6.11 7.60 -8.44
N THR B 61 -6.51 8.86 -8.64
CA THR B 61 -6.76 9.35 -10.00
C THR B 61 -6.35 10.81 -10.15
N VAL B 62 -5.98 11.16 -11.38
CA VAL B 62 -5.74 12.54 -11.76
C VAL B 62 -6.71 12.86 -12.91
N VAL B 63 -7.54 13.89 -12.74
CA VAL B 63 -8.61 14.22 -13.71
C VAL B 63 -8.64 15.72 -13.95
N PRO B 64 -8.73 16.18 -15.22
CA PRO B 64 -9.01 17.60 -15.39
C PRO B 64 -10.32 17.96 -14.70
N SER B 65 -10.32 19.07 -13.97
CA SER B 65 -11.53 19.55 -13.29
C SER B 65 -12.41 20.37 -14.23
N SER C 6 1.57 -11.13 -18.51
CA SER C 6 1.19 -11.98 -19.68
C SER C 6 -0.31 -12.31 -19.68
N LEU C 7 -1.00 -12.04 -18.58
CA LEU C 7 -2.45 -12.17 -18.55
C LEU C 7 -3.14 -10.80 -18.47
N GLN C 8 -2.56 -9.91 -17.67
CA GLN C 8 -3.09 -8.56 -17.48
C GLN C 8 -3.17 -7.76 -18.78
N ASP C 9 -2.10 -7.78 -19.56
CA ASP C 9 -2.05 -6.96 -20.78
C ASP C 9 -3.04 -7.39 -21.89
N PRO C 10 -3.10 -8.71 -22.21
CA PRO C 10 -4.13 -9.14 -23.17
C PRO C 10 -5.56 -8.84 -22.68
N PHE C 11 -5.81 -8.98 -21.37
CA PHE C 11 -7.13 -8.69 -20.79
C PHE C 11 -7.52 -7.23 -21.03
N LEU C 12 -6.63 -6.32 -20.62
CA LEU C 12 -6.83 -4.88 -20.78
C LEU C 12 -6.86 -4.46 -22.25
N ASN C 13 -5.97 -5.04 -23.04
CA ASN C 13 -5.93 -4.79 -24.50
C ASN C 13 -7.22 -5.16 -25.23
N ALA C 14 -7.89 -6.22 -24.78
CA ALA C 14 -9.16 -6.63 -25.41
C ALA C 14 -10.27 -5.66 -25.04
N LEU C 15 -10.32 -5.25 -23.77
CA LEU C 15 -11.30 -4.26 -23.32
C LEU C 15 -11.12 -2.96 -24.09
N ARG C 16 -9.86 -2.55 -24.27
CA ARG C 16 -9.51 -1.33 -25.00
C ARG C 16 -9.93 -1.42 -26.47
N ARG C 17 -9.43 -2.45 -27.15
CA ARG C 17 -9.69 -2.70 -28.56
C ARG C 17 -11.19 -2.77 -28.91
N GLU C 18 -11.97 -3.45 -28.07
CA GLU C 18 -13.42 -3.57 -28.34
C GLU C 18 -14.24 -2.46 -27.72
N ARG C 19 -13.57 -1.52 -27.04
CA ARG C 19 -14.24 -0.36 -26.42
C ARG C 19 -15.36 -0.85 -25.49
N VAL C 20 -15.02 -1.81 -24.62
CA VAL C 20 -15.98 -2.40 -23.70
C VAL C 20 -16.25 -1.42 -22.55
N PRO C 21 -17.54 -1.15 -22.27
CA PRO C 21 -17.87 -0.40 -21.05
C PRO C 21 -17.43 -1.17 -19.80
N VAL C 22 -16.66 -0.52 -18.92
CA VAL C 22 -16.12 -1.19 -17.71
C VAL C 22 -16.39 -0.48 -16.38
N SER C 23 -16.26 -1.26 -15.32
CA SER C 23 -16.20 -0.72 -13.97
C SER C 23 -14.80 -0.99 -13.42
N ILE C 24 -14.18 0.05 -12.88
CA ILE C 24 -12.88 -0.07 -12.21
C ILE C 24 -13.17 0.24 -10.77
N TYR C 25 -13.06 -0.79 -9.94
CA TYR C 25 -13.29 -0.64 -8.51
C TYR C 25 -11.97 -0.29 -7.88
N LEU C 26 -11.96 0.79 -7.10
CA LEU C 26 -10.75 1.21 -6.38
C LEU C 26 -10.62 0.47 -5.06
N VAL C 27 -9.39 0.46 -4.52
CA VAL C 27 -9.12 -0.18 -3.24
C VAL C 27 -9.93 0.41 -2.10
N ASN C 28 -10.42 1.65 -2.27
CA ASN C 28 -11.31 2.26 -1.26
C ASN C 28 -12.80 1.98 -1.54
N GLY C 29 -13.07 1.10 -2.49
CA GLY C 29 -14.42 0.64 -2.76
C GLY C 29 -15.15 1.49 -3.79
N ILE C 30 -14.56 2.63 -4.14
CA ILE C 30 -15.17 3.55 -5.08
C ILE C 30 -15.19 2.94 -6.47
N LYS C 31 -16.32 3.10 -7.15
CA LYS C 31 -16.55 2.50 -8.45
C LYS C 31 -16.50 3.54 -9.57
N LEU C 32 -15.46 3.47 -10.40
CA LEU C 32 -15.34 4.33 -11.57
C LEU C 32 -15.88 3.62 -12.79
N GLN C 33 -16.50 4.37 -13.70
CA GLN C 33 -17.01 3.80 -14.93
C GLN C 33 -16.54 4.57 -16.16
N GLY C 34 -16.20 3.82 -17.19
CA GLY C 34 -15.78 4.39 -18.46
C GLY C 34 -15.41 3.29 -19.42
N GLN C 35 -14.61 3.64 -20.42
CA GLN C 35 -14.01 2.64 -21.29
C GLN C 35 -12.52 2.86 -21.21
N ILE C 36 -11.75 1.79 -21.41
CA ILE C 36 -10.29 1.87 -21.29
C ILE C 36 -9.71 2.45 -22.58
N GLU C 37 -9.14 3.65 -22.44
CA GLU C 37 -8.58 4.39 -23.57
C GLU C 37 -7.19 3.86 -23.92
N SER C 38 -6.39 3.66 -22.89
CA SER C 38 -5.03 3.12 -22.99
C SER C 38 -4.56 2.83 -21.58
N PHE C 39 -3.37 2.25 -21.50
CA PHE C 39 -2.79 1.91 -20.22
C PHE C 39 -1.32 1.67 -20.43
N ASP C 40 -0.53 1.82 -19.38
CA ASP C 40 0.86 1.39 -19.44
C ASP C 40 1.17 0.54 -18.21
N GLN C 41 2.43 0.48 -17.82
CA GLN C 41 2.79 -0.35 -16.69
C GLN C 41 2.12 0.06 -15.37
N PHE C 42 1.88 1.36 -15.18
CA PHE C 42 1.45 1.85 -13.86
C PHE C 42 0.09 2.50 -13.87
N VAL C 43 -0.37 2.94 -15.04
CA VAL C 43 -1.65 3.61 -15.06
C VAL C 43 -2.61 3.10 -16.13
N ILE C 44 -3.88 3.42 -15.96
CA ILE C 44 -4.90 3.18 -16.98
C ILE C 44 -5.60 4.51 -17.23
N LEU C 45 -5.74 4.88 -18.51
CA LEU C 45 -6.57 6.00 -18.92
C LEU C 45 -8.01 5.55 -19.08
N LEU C 46 -8.88 6.08 -18.23
CA LEU C 46 -10.30 5.74 -18.26
C LEU C 46 -11.12 6.88 -18.88
N LYS C 47 -11.75 6.58 -20.03
CA LYS C 47 -12.48 7.59 -20.79
C LYS C 47 -13.99 7.56 -20.52
N ASN C 48 -14.53 8.76 -20.27
CA ASN C 48 -15.98 8.99 -20.21
C ASN C 48 -16.16 10.31 -20.94
N THR C 49 -16.95 11.23 -20.39
CA THR C 49 -17.04 12.60 -20.94
C THR C 49 -15.64 13.21 -20.96
N VAL C 50 -14.96 13.17 -19.81
CA VAL C 50 -13.56 13.59 -19.68
C VAL C 50 -12.68 12.42 -19.25
N SER C 51 -11.48 12.35 -19.82
CA SER C 51 -10.57 11.23 -19.56
C SER C 51 -9.75 11.45 -18.30
N GLN C 52 -9.59 10.38 -17.51
CA GLN C 52 -8.86 10.45 -16.24
C GLN C 52 -7.81 9.36 -16.13
N MET C 53 -6.68 9.69 -15.53
CA MET C 53 -5.59 8.75 -15.32
C MET C 53 -5.75 8.05 -13.95
N VAL C 54 -5.85 6.73 -13.96
CA VAL C 54 -6.05 5.95 -12.73
C VAL C 54 -4.79 5.16 -12.40
N TYR C 55 -4.22 5.31 -11.20
CA TYR C 55 -3.03 4.52 -10.83
C TYR C 55 -3.45 3.07 -10.55
N LYS C 56 -2.77 2.11 -11.17
CA LYS C 56 -3.09 0.69 -10.91
C LYS C 56 -3.00 0.34 -9.43
N HIS C 57 -2.02 0.93 -8.72
CA HIS C 57 -1.84 0.63 -7.29
C HIS C 57 -3.09 0.93 -6.47
N ALA C 58 -3.98 1.77 -6.99
CA ALA C 58 -5.21 2.10 -6.29
C ALA C 58 -6.41 1.28 -6.78
N ILE C 59 -6.20 0.38 -7.74
CA ILE C 59 -7.29 -0.40 -8.30
C ILE C 59 -7.36 -1.77 -7.64
N SER C 60 -8.57 -2.21 -7.30
CA SER C 60 -8.74 -3.59 -6.89
C SER C 60 -9.10 -4.50 -8.08
N THR C 61 -10.13 -4.11 -8.85
CA THR C 61 -10.61 -4.95 -9.95
CA THR C 61 -10.66 -4.95 -9.94
C THR C 61 -11.05 -4.15 -11.18
N VAL C 62 -10.96 -4.80 -12.33
CA VAL C 62 -11.43 -4.28 -13.61
C VAL C 62 -12.44 -5.33 -14.13
N VAL C 63 -13.67 -4.91 -14.38
CA VAL C 63 -14.74 -5.82 -14.82
C VAL C 63 -15.61 -5.14 -15.88
N PRO C 64 -15.95 -5.86 -16.96
CA PRO C 64 -16.88 -5.29 -17.93
C PRO C 64 -18.21 -4.99 -17.25
N SER C 65 -18.77 -3.81 -17.55
CA SER C 65 -20.03 -3.36 -16.97
C SER C 65 -21.22 -4.03 -17.64
N GLN D 5 10.70 -19.20 -2.11
CA GLN D 5 9.52 -19.70 -2.92
C GLN D 5 9.54 -21.22 -3.13
N SER D 6 8.47 -21.82 -3.66
CA SER D 6 7.24 -21.13 -4.09
C SER D 6 5.96 -21.83 -3.59
N LEU D 7 5.09 -21.06 -2.95
CA LEU D 7 3.82 -21.58 -2.46
C LEU D 7 2.64 -20.97 -3.18
N GLN D 8 2.76 -19.71 -3.56
CA GLN D 8 1.64 -19.00 -4.14
C GLN D 8 1.14 -19.67 -5.43
N ASP D 9 2.04 -19.86 -6.38
CA ASP D 9 1.70 -20.46 -7.67
C ASP D 9 1.06 -21.88 -7.59
N PRO D 10 1.65 -22.82 -6.82
CA PRO D 10 0.99 -24.14 -6.68
C PRO D 10 -0.36 -24.11 -5.98
N PHE D 11 -0.57 -23.17 -5.05
CA PHE D 11 -1.84 -23.06 -4.30
C PHE D 11 -2.94 -22.61 -5.25
N LEU D 12 -2.62 -21.58 -6.03
CA LEU D 12 -3.55 -21.04 -7.03
C LEU D 12 -3.73 -22.03 -8.18
N ASN D 13 -2.64 -22.69 -8.60
CA ASN D 13 -2.70 -23.70 -9.66
C ASN D 13 -3.59 -24.89 -9.32
N ALA D 14 -3.58 -25.32 -8.05
CA ALA D 14 -4.45 -26.42 -7.63
C ALA D 14 -5.92 -26.00 -7.56
N LEU D 15 -6.19 -24.81 -7.02
CA LEU D 15 -7.55 -24.24 -7.09
C LEU D 15 -8.05 -24.10 -8.53
N ARG D 16 -7.17 -23.66 -9.44
CA ARG D 16 -7.53 -23.52 -10.86
C ARG D 16 -7.76 -24.88 -11.51
N ARG D 17 -6.78 -25.79 -11.36
CA ARG D 17 -6.82 -27.12 -11.98
C ARG D 17 -7.77 -28.10 -11.29
N GLU D 18 -8.46 -27.64 -10.25
CA GLU D 18 -9.51 -28.43 -9.60
C GLU D 18 -10.87 -27.72 -9.62
N ARG D 19 -10.90 -26.52 -10.20
CA ARG D 19 -12.13 -25.73 -10.37
C ARG D 19 -12.89 -25.56 -9.04
N VAL D 20 -12.15 -25.24 -8.00
CA VAL D 20 -12.76 -25.10 -6.67
C VAL D 20 -13.29 -23.68 -6.41
N PRO D 21 -14.53 -23.58 -5.90
CA PRO D 21 -15.10 -22.31 -5.49
C PRO D 21 -14.24 -21.65 -4.42
N VAL D 22 -13.74 -20.46 -4.71
CA VAL D 22 -12.93 -19.70 -3.76
C VAL D 22 -13.58 -18.40 -3.33
N SER D 23 -13.12 -17.89 -2.20
CA SER D 23 -13.39 -16.53 -1.78
C SER D 23 -12.06 -15.81 -1.83
N ILE D 24 -12.07 -14.63 -2.44
CA ILE D 24 -10.93 -13.75 -2.42
C ILE D 24 -11.34 -12.54 -1.59
N TYR D 25 -10.76 -12.39 -0.40
CA TYR D 25 -11.02 -11.20 0.41
C TYR D 25 -10.03 -10.10 0.00
N LEU D 26 -10.56 -8.92 -0.26
CA LEU D 26 -9.75 -7.78 -0.61
C LEU D 26 -9.28 -7.10 0.66
N VAL D 27 -8.25 -6.27 0.55
CA VAL D 27 -7.68 -5.57 1.72
C VAL D 27 -8.66 -4.60 2.35
N ASN D 28 -9.70 -4.20 1.61
CA ASN D 28 -10.78 -3.36 2.16
C ASN D 28 -11.92 -4.16 2.78
N GLY D 29 -11.81 -5.48 2.76
CA GLY D 29 -12.79 -6.34 3.44
C GLY D 29 -13.94 -6.87 2.57
N ILE D 30 -14.01 -6.40 1.33
CA ILE D 30 -14.96 -6.95 0.34
C ILE D 30 -14.58 -8.39 -0.02
N LYS D 31 -15.57 -9.27 -0.05
CA LYS D 31 -15.33 -10.69 -0.36
C LYS D 31 -15.83 -11.01 -1.77
N LEU D 32 -14.91 -11.37 -2.64
CA LEU D 32 -15.26 -11.80 -4.01
C LEU D 32 -15.32 -13.33 -4.07
N GLN D 33 -16.22 -13.85 -4.90
CA GLN D 33 -16.41 -15.30 -5.01
C GLN D 33 -16.44 -15.78 -6.46
N GLY D 34 -15.94 -16.99 -6.65
CA GLY D 34 -15.99 -17.65 -7.95
C GLY D 34 -14.84 -18.61 -8.06
N GLN D 35 -14.37 -18.80 -9.28
CA GLN D 35 -13.31 -19.76 -9.52
C GLN D 35 -12.11 -19.07 -10.13
N ILE D 36 -10.94 -19.53 -9.74
CA ILE D 36 -9.71 -19.08 -10.33
C ILE D 36 -9.65 -19.60 -11.77
N GLU D 37 -9.78 -18.67 -12.71
CA GLU D 37 -9.72 -19.01 -14.13
C GLU D 37 -8.26 -19.09 -14.53
N SER D 38 -7.51 -18.07 -14.10
CA SER D 38 -6.16 -17.83 -14.54
C SER D 38 -5.52 -16.82 -13.57
N PHE D 39 -4.19 -16.71 -13.63
CA PHE D 39 -3.44 -15.68 -12.90
C PHE D 39 -2.06 -15.48 -13.54
N ASP D 40 -1.45 -14.34 -13.22
CA ASP D 40 -0.05 -14.09 -13.57
C ASP D 40 0.70 -13.47 -12.41
N GLN D 41 1.79 -12.76 -12.68
CA GLN D 41 2.62 -12.17 -11.62
C GLN D 41 1.83 -11.16 -10.76
N PHE D 42 0.89 -10.44 -11.38
CA PHE D 42 0.27 -9.29 -10.74
C PHE D 42 -1.25 -9.40 -10.57
N VAL D 43 -1.91 -10.26 -11.35
CA VAL D 43 -3.38 -10.35 -11.30
C VAL D 43 -3.92 -11.77 -11.20
N ILE D 44 -5.16 -11.89 -10.72
CA ILE D 44 -5.90 -13.15 -10.78
C ILE D 44 -7.18 -12.90 -11.55
N LEU D 45 -7.46 -13.79 -12.51
CA LEU D 45 -8.74 -13.77 -13.20
C LEU D 45 -9.76 -14.60 -12.44
N LEU D 46 -10.81 -13.93 -11.99
CA LEU D 46 -11.84 -14.58 -11.20
C LEU D 46 -13.09 -14.72 -12.04
N LYS D 47 -13.43 -15.97 -12.31
CA LYS D 47 -14.56 -16.30 -13.16
C LYS D 47 -15.79 -16.53 -12.28
N ASN D 48 -16.84 -15.76 -12.57
CA ASN D 48 -18.16 -16.00 -12.00
C ASN D 48 -19.21 -15.92 -13.11
N THR D 49 -20.13 -14.95 -13.02
CA THR D 49 -21.13 -14.74 -14.07
C THR D 49 -20.50 -13.88 -15.16
N VAL D 50 -19.63 -12.96 -14.73
CA VAL D 50 -18.74 -12.23 -15.63
C VAL D 50 -17.34 -12.47 -15.09
N SER D 51 -16.34 -12.53 -15.97
CA SER D 51 -14.96 -12.76 -15.52
C SER D 51 -14.23 -11.46 -15.24
N GLN D 52 -13.54 -11.39 -14.10
CA GLN D 52 -12.87 -10.15 -13.71
C GLN D 52 -11.42 -10.31 -13.31
N MET D 53 -10.67 -9.23 -13.54
CA MET D 53 -9.26 -9.16 -13.23
C MET D 53 -9.09 -8.46 -11.90
N VAL D 54 -8.52 -9.18 -10.93
CA VAL D 54 -8.33 -8.68 -9.59
C VAL D 54 -6.83 -8.46 -9.39
N TYR D 55 -6.41 -7.26 -9.01
CA TYR D 55 -4.99 -7.04 -8.68
C TYR D 55 -4.60 -7.71 -7.37
N LYS D 56 -3.52 -8.48 -7.40
CA LYS D 56 -3.03 -9.13 -6.20
C LYS D 56 -2.75 -8.15 -5.08
N HIS D 57 -2.21 -6.96 -5.42
CA HIS D 57 -1.92 -5.95 -4.40
C HIS D 57 -3.13 -5.55 -3.57
N ALA D 58 -4.32 -5.80 -4.10
CA ALA D 58 -5.58 -5.48 -3.41
C ALA D 58 -6.14 -6.67 -2.59
N ILE D 59 -5.51 -7.83 -2.71
CA ILE D 59 -6.01 -9.07 -2.08
C ILE D 59 -5.37 -9.27 -0.72
N SER D 60 -6.19 -9.62 0.28
CA SER D 60 -5.70 -10.04 1.56
C SER D 60 -5.50 -11.56 1.56
N THR D 61 -6.57 -12.30 1.24
CA THR D 61 -6.57 -13.75 1.40
CA THR D 61 -6.62 -13.74 1.43
C THR D 61 -7.38 -14.45 0.32
N VAL D 62 -6.93 -15.64 -0.04
CA VAL D 62 -7.64 -16.53 -0.97
C VAL D 62 -7.84 -17.86 -0.23
N VAL D 63 -9.08 -18.33 -0.21
CA VAL D 63 -9.47 -19.52 0.55
C VAL D 63 -10.53 -20.25 -0.23
N PRO D 64 -10.55 -21.60 -0.18
CA PRO D 64 -11.74 -22.28 -0.71
C PRO D 64 -12.97 -21.87 0.11
N SER D 65 -14.10 -21.63 -0.55
CA SER D 65 -15.31 -21.22 0.17
C SER D 65 -16.07 -22.43 0.73
N SER E 6 18.15 -11.70 7.41
CA SER E 6 16.67 -11.96 7.40
C SER E 6 16.18 -12.50 8.75
N LEU E 7 15.21 -11.80 9.33
CA LEU E 7 14.60 -12.19 10.61
C LEU E 7 13.29 -12.88 10.36
N GLN E 8 12.75 -12.66 9.17
CA GLN E 8 11.44 -13.12 8.82
C GLN E 8 11.38 -14.63 8.70
N ASP E 9 12.36 -15.23 8.01
CA ASP E 9 12.32 -16.66 7.80
C ASP E 9 12.44 -17.45 9.12
N PRO E 10 13.44 -17.13 9.97
CA PRO E 10 13.54 -17.88 11.24
C PRO E 10 12.31 -17.68 12.15
N PHE E 11 11.78 -16.45 12.20
CA PHE E 11 10.58 -16.17 13.01
C PHE E 11 9.42 -17.06 12.56
N LEU E 12 9.10 -17.00 11.27
CA LEU E 12 8.03 -17.82 10.69
C LEU E 12 8.33 -19.32 10.76
N ASN E 13 9.58 -19.73 10.52
CA ASN E 13 9.93 -21.14 10.58
C ASN E 13 9.82 -21.73 11.98
N ALA E 14 10.18 -20.94 12.99
CA ALA E 14 10.04 -21.39 14.38
C ALA E 14 8.57 -21.62 14.73
N LEU E 15 7.71 -20.72 14.25
CA LEU E 15 6.27 -20.83 14.42
C LEU E 15 5.72 -22.06 13.68
N ARG E 16 6.20 -22.27 12.46
CA ARG E 16 5.77 -23.40 11.65
C ARG E 16 6.24 -24.72 12.25
N ARG E 17 7.55 -24.80 12.51
CA ARG E 17 8.17 -26.03 12.96
C ARG E 17 7.63 -26.47 14.34
N GLU E 18 7.35 -25.51 15.22
CA GLU E 18 6.81 -25.84 16.55
C GLU E 18 5.28 -25.83 16.64
N ARG E 19 4.60 -25.61 15.51
CA ARG E 19 3.12 -25.64 15.44
C ARG E 19 2.42 -24.68 16.42
N VAL E 20 2.99 -23.49 16.61
CA VAL E 20 2.50 -22.49 17.55
C VAL E 20 1.16 -21.89 17.06
N PRO E 21 0.12 -21.87 17.92
CA PRO E 21 -1.07 -21.08 17.57
C PRO E 21 -0.70 -19.59 17.34
N VAL E 22 -0.99 -19.09 16.15
CA VAL E 22 -0.67 -17.70 15.83
C VAL E 22 -1.88 -16.84 15.54
N SER E 23 -1.71 -15.55 15.76
CA SER E 23 -2.65 -14.53 15.32
C SER E 23 -1.95 -13.72 14.23
N ILE E 24 -2.60 -13.58 13.10
CA ILE E 24 -2.13 -12.71 12.04
C ILE E 24 -3.09 -11.53 11.96
N TYR E 25 -2.63 -10.33 12.27
CA TYR E 25 -3.47 -9.13 12.17
C TYR E 25 -3.28 -8.48 10.81
N LEU E 26 -4.39 -8.15 10.17
CA LEU E 26 -4.33 -7.62 8.83
C LEU E 26 -4.30 -6.11 8.90
N VAL E 27 -3.91 -5.47 7.80
CA VAL E 27 -3.88 -4.02 7.73
C VAL E 27 -5.24 -3.37 7.87
N ASN E 28 -6.31 -4.09 7.56
CA ASN E 28 -7.67 -3.57 7.81
C ASN E 28 -8.17 -3.88 9.22
N GLY E 29 -7.29 -4.38 10.08
CA GLY E 29 -7.62 -4.57 11.50
C GLY E 29 -8.23 -5.91 11.85
N ILE E 30 -8.46 -6.74 10.83
CA ILE E 30 -9.03 -8.09 11.01
C ILE E 30 -7.96 -9.03 11.59
N LYS E 31 -8.35 -9.86 12.56
CA LYS E 31 -7.46 -10.85 13.15
C LYS E 31 -7.78 -12.24 12.59
N LEU E 32 -6.77 -12.92 12.04
CA LEU E 32 -6.92 -14.32 11.63
C LEU E 32 -6.15 -15.20 12.60
N GLN E 33 -6.61 -16.43 12.80
CA GLN E 33 -5.96 -17.33 13.75
C GLN E 33 -5.76 -18.70 13.14
N GLY E 34 -4.66 -19.36 13.49
CA GLY E 34 -4.42 -20.71 12.99
C GLY E 34 -2.97 -21.08 13.23
N GLN E 35 -2.48 -22.04 12.45
CA GLN E 35 -1.07 -22.38 12.51
C GLN E 35 -0.44 -22.09 11.18
N ILE E 36 0.82 -21.68 11.19
CA ILE E 36 1.57 -21.40 9.96
C ILE E 36 1.89 -22.72 9.31
N GLU E 37 1.26 -22.98 8.16
CA GLU E 37 1.42 -24.23 7.44
C GLU E 37 2.67 -24.16 6.56
N SER E 38 2.81 -23.03 5.88
CA SER E 38 3.96 -22.77 5.04
C SER E 38 3.97 -21.29 4.65
N PHE E 39 5.04 -20.86 4.01
CA PHE E 39 5.18 -19.50 3.55
C PHE E 39 6.22 -19.43 2.44
N ASP E 40 6.16 -18.37 1.65
CA ASP E 40 7.22 -18.07 0.69
C ASP E 40 7.52 -16.57 0.73
N GLN E 41 8.09 -16.04 -0.34
CA GLN E 41 8.52 -14.63 -0.32
C GLN E 41 7.33 -13.67 -0.19
N PHE E 42 6.18 -14.09 -0.68
CA PHE E 42 5.04 -13.20 -0.76
C PHE E 42 3.82 -13.57 0.09
N VAL E 43 3.68 -14.85 0.42
CA VAL E 43 2.47 -15.31 1.12
C VAL E 43 2.79 -16.18 2.34
N ILE E 44 1.81 -16.26 3.23
CA ILE E 44 1.80 -17.20 4.34
C ILE E 44 0.53 -18.03 4.21
N LEU E 45 0.69 -19.35 4.32
CA LEU E 45 -0.44 -20.27 4.36
C LEU E 45 -0.83 -20.51 5.81
N LEU E 46 -2.02 -20.04 6.19
CA LEU E 46 -2.51 -20.17 7.55
C LEU E 46 -3.61 -21.23 7.56
N LYS E 47 -3.41 -22.26 8.40
CA LYS E 47 -4.33 -23.38 8.50
C LYS E 47 -5.07 -23.33 9.82
N ASN E 48 -6.39 -23.18 9.74
CA ASN E 48 -7.27 -23.51 10.84
C ASN E 48 -8.06 -24.74 10.43
N THR E 49 -9.33 -24.57 10.07
CA THR E 49 -10.13 -25.62 9.45
C THR E 49 -9.67 -25.84 8.00
N VAL E 50 -9.34 -24.74 7.32
CA VAL E 50 -8.90 -24.77 5.94
C VAL E 50 -7.56 -24.06 5.81
N SER E 51 -6.84 -24.36 4.72
CA SER E 51 -5.65 -23.60 4.36
C SER E 51 -6.08 -22.36 3.59
N GLN E 52 -5.64 -21.21 4.07
CA GLN E 52 -5.87 -19.95 3.36
C GLN E 52 -4.56 -19.24 3.07
N MET E 53 -4.44 -18.72 1.86
CA MET E 53 -3.23 -18.03 1.48
C MET E 53 -3.40 -16.55 1.80
N VAL E 54 -2.50 -16.02 2.63
CA VAL E 54 -2.56 -14.63 3.08
C VAL E 54 -1.36 -13.95 2.45
N TYR E 55 -1.60 -12.88 1.71
CA TYR E 55 -0.51 -12.09 1.16
C TYR E 55 0.14 -11.29 2.29
N LYS E 56 1.47 -11.33 2.37
CA LYS E 56 2.20 -10.55 3.36
C LYS E 56 1.90 -9.05 3.27
N HIS E 57 1.69 -8.53 2.07
CA HIS E 57 1.37 -7.09 1.91
C HIS E 57 0.12 -6.66 2.68
N ALA E 58 -0.74 -7.61 3.00
CA ALA E 58 -1.98 -7.34 3.71
C ALA E 58 -1.84 -7.51 5.23
N ILE E 59 -0.66 -7.94 5.68
CA ILE E 59 -0.45 -8.27 7.10
C ILE E 59 0.21 -7.11 7.81
N SER E 60 -0.30 -6.76 8.99
CA SER E 60 0.41 -5.80 9.80
C SER E 60 1.36 -6.55 10.75
N THR E 61 0.86 -7.58 11.45
CA THR E 61 1.67 -8.27 12.46
C THR E 61 1.41 -9.78 12.51
N VAL E 62 2.41 -10.51 12.99
CA VAL E 62 2.30 -11.95 13.28
C VAL E 62 2.80 -12.14 14.69
N VAL E 63 1.94 -12.77 15.51
N VAL E 63 1.96 -12.75 15.55
CA VAL E 63 2.11 -12.92 16.96
CA VAL E 63 2.30 -12.92 16.96
C VAL E 63 1.73 -14.35 17.37
C VAL E 63 1.72 -14.23 17.47
N PRO E 64 2.48 -14.97 18.30
CA PRO E 64 1.91 -16.17 18.93
C PRO E 64 0.66 -15.73 19.69
N SER E 65 -0.43 -16.49 19.59
N SER E 65 -0.41 -16.51 19.58
CA SER E 65 -1.67 -16.19 20.32
CA SER E 65 -1.68 -16.25 20.28
C SER E 65 -1.51 -16.34 21.84
C SER E 65 -1.51 -16.22 21.81
N SER F 6 21.59 5.69 5.38
CA SER F 6 20.32 5.21 5.98
C SER F 6 20.09 5.82 7.35
N LEU F 7 18.85 6.26 7.59
CA LEU F 7 18.47 6.82 8.87
C LEU F 7 17.76 5.82 9.77
N GLN F 8 17.09 4.82 9.17
CA GLN F 8 16.31 3.83 9.91
C GLN F 8 17.13 3.05 10.90
N ASP F 9 18.26 2.55 10.42
CA ASP F 9 19.02 1.61 11.22
C ASP F 9 19.57 2.29 12.46
N PRO F 10 20.20 3.47 12.31
CA PRO F 10 20.71 4.16 13.49
C PRO F 10 19.58 4.59 14.45
N PHE F 11 18.47 5.06 13.89
CA PHE F 11 17.29 5.40 14.70
C PHE F 11 16.76 4.19 15.46
N LEU F 12 16.48 3.09 14.76
CA LEU F 12 15.98 1.89 15.41
C LEU F 12 16.99 1.25 16.38
N ASN F 13 18.28 1.27 16.02
CA ASN F 13 19.29 0.68 16.91
C ASN F 13 19.49 1.46 18.22
N ALA F 14 19.45 2.78 18.13
CA ALA F 14 19.49 3.63 19.34
C ALA F 14 18.37 3.25 20.30
N LEU F 15 17.15 3.14 19.77
CA LEU F 15 16.01 2.70 20.56
C LEU F 15 16.21 1.30 21.18
N ARG F 16 16.71 0.35 20.41
CA ARG F 16 16.96 -1.00 20.94
C ARG F 16 18.07 -1.02 22.00
N ARG F 17 19.22 -0.46 21.65
CA ARG F 17 20.38 -0.48 22.53
C ARG F 17 20.10 0.20 23.88
N GLU F 18 19.32 1.28 23.85
CA GLU F 18 18.95 2.02 25.08
C GLU F 18 17.67 1.49 25.73
N ARG F 19 17.06 0.48 25.11
CA ARG F 19 15.82 -0.14 25.59
C ARG F 19 14.73 0.89 25.94
N VAL F 20 14.57 1.90 25.09
CA VAL F 20 13.51 2.90 25.26
C VAL F 20 12.13 2.31 24.89
N PRO F 21 11.11 2.52 25.74
CA PRO F 21 9.74 2.20 25.39
C PRO F 21 9.32 2.98 24.12
N VAL F 22 8.84 2.26 23.12
CA VAL F 22 8.42 2.89 21.85
C VAL F 22 6.94 2.71 21.56
N SER F 23 6.38 3.61 20.78
CA SER F 23 5.08 3.43 20.15
C SER F 23 5.30 3.25 18.66
N ILE F 24 4.70 2.21 18.11
CA ILE F 24 4.61 2.00 16.67
C ILE F 24 3.18 2.24 16.25
N TYR F 25 2.95 3.32 15.51
CA TYR F 25 1.62 3.59 14.98
C TYR F 25 1.52 2.92 13.62
N LEU F 26 0.52 2.07 13.46
CA LEU F 26 0.27 1.44 12.16
C LEU F 26 -0.48 2.38 11.20
N VAL F 27 -0.47 2.04 9.92
CA VAL F 27 -1.19 2.82 8.91
C VAL F 27 -2.70 2.84 9.14
N ASN F 28 -3.21 1.84 9.87
CA ASN F 28 -4.65 1.81 10.14
C ASN F 28 -5.03 2.59 11.42
N GLY F 29 -4.02 3.23 12.02
CA GLY F 29 -4.21 4.11 13.17
C GLY F 29 -3.94 3.44 14.51
N ILE F 30 -3.81 2.12 14.48
CA ILE F 30 -3.58 1.35 15.69
C ILE F 30 -2.19 1.59 16.30
N LYS F 31 -2.13 1.76 17.62
CA LYS F 31 -0.86 2.06 18.31
C LYS F 31 -0.34 0.83 19.07
N LEU F 32 0.79 0.29 18.63
CA LEU F 32 1.45 -0.81 19.31
C LEU F 32 2.52 -0.25 20.23
N GLN F 33 2.73 -0.87 21.39
CA GLN F 33 3.74 -0.41 22.32
C GLN F 33 4.65 -1.53 22.78
N GLY F 34 5.93 -1.22 22.93
CA GLY F 34 6.87 -2.17 23.50
C GLY F 34 8.30 -1.72 23.31
N GLN F 35 9.21 -2.67 23.22
CA GLN F 35 10.61 -2.38 22.95
C GLN F 35 11.03 -3.02 21.64
N ILE F 36 11.92 -2.35 20.93
CA ILE F 36 12.50 -2.87 19.70
C ILE F 36 13.52 -3.96 20.04
N GLU F 37 13.26 -5.16 19.53
CA GLU F 37 14.09 -6.32 19.83
C GLU F 37 15.11 -6.48 18.70
N SER F 38 14.64 -6.36 17.47
CA SER F 38 15.50 -6.39 16.28
C SER F 38 14.70 -5.93 15.07
N PHE F 39 15.36 -5.84 13.91
CA PHE F 39 14.73 -5.34 12.69
C PHE F 39 15.60 -5.74 11.49
N ASP F 40 14.97 -5.90 10.34
CA ASP F 40 15.70 -6.12 9.10
C ASP F 40 15.15 -5.22 8.01
N GLN F 41 15.42 -5.53 6.76
CA GLN F 41 14.95 -4.68 5.68
C GLN F 41 13.42 -4.53 5.69
N PHE F 42 12.70 -5.56 6.13
CA PHE F 42 11.24 -5.59 5.96
C PHE F 42 10.40 -5.58 7.24
N VAL F 43 10.96 -6.02 8.36
CA VAL F 43 10.19 -6.18 9.61
C VAL F 43 10.89 -5.57 10.82
N ILE F 44 10.11 -5.29 11.85
CA ILE F 44 10.60 -4.96 13.18
C ILE F 44 9.99 -5.98 14.15
N LEU F 45 10.84 -6.57 14.99
CA LEU F 45 10.36 -7.40 16.08
C LEU F 45 10.15 -6.51 17.30
N LEU F 46 8.90 -6.43 17.77
CA LEU F 46 8.52 -5.59 18.89
C LEU F 46 8.14 -6.49 20.07
N LYS F 47 8.74 -6.23 21.22
CA LYS F 47 8.61 -7.11 22.38
C LYS F 47 7.99 -6.38 23.55
N ASN F 48 7.06 -7.05 24.21
CA ASN F 48 6.76 -6.77 25.61
C ASN F 48 6.96 -8.06 26.38
N THR F 49 5.88 -8.76 26.69
CA THR F 49 5.94 -10.09 27.28
C THR F 49 6.17 -11.12 26.18
N VAL F 50 5.78 -10.77 24.96
CA VAL F 50 5.92 -11.62 23.78
C VAL F 50 6.53 -10.84 22.61
N SER F 51 7.34 -11.52 21.80
CA SER F 51 7.88 -10.94 20.57
C SER F 51 6.87 -11.08 19.44
N GLN F 52 6.57 -9.97 18.77
CA GLN F 52 5.75 -10.00 17.57
C GLN F 52 6.50 -9.39 16.39
N MET F 53 6.20 -9.91 15.21
CA MET F 53 6.83 -9.42 13.99
C MET F 53 5.91 -8.39 13.30
N VAL F 54 6.37 -7.15 13.19
CA VAL F 54 5.58 -6.07 12.56
C VAL F 54 6.15 -5.76 11.18
N TYR F 55 5.33 -5.83 10.13
CA TYR F 55 5.81 -5.48 8.77
C TYR F 55 5.95 -3.98 8.63
N LYS F 56 7.12 -3.50 8.23
CA LYS F 56 7.32 -2.07 8.03
C LYS F 56 6.28 -1.47 7.09
N HIS F 57 5.85 -2.23 6.07
CA HIS F 57 4.81 -1.73 5.15
C HIS F 57 3.52 -1.29 5.83
N ALA F 58 3.31 -1.83 7.03
CA ALA F 58 2.11 -1.52 7.80
C ALA F 58 2.32 -0.40 8.82
N ILE F 59 3.55 0.11 8.94
CA ILE F 59 3.85 1.13 9.96
C ILE F 59 3.75 2.52 9.39
N SER F 60 3.11 3.44 10.11
CA SER F 60 3.23 4.85 9.74
CA SER F 60 3.20 4.87 9.78
C SER F 60 4.42 5.51 10.43
N THR F 61 4.54 5.34 11.74
CA THR F 61 5.59 6.04 12.50
CA THR F 61 5.57 6.05 12.51
C THR F 61 6.10 5.22 13.68
N VAL F 62 7.34 5.52 14.08
CA VAL F 62 7.96 4.92 15.26
C VAL F 62 8.43 6.08 16.15
N VAL F 63 7.97 6.09 17.40
CA VAL F 63 8.11 7.24 18.28
C VAL F 63 8.48 6.75 19.68
N PRO F 64 9.52 7.35 20.33
CA PRO F 64 9.72 7.05 21.76
C PRO F 64 8.44 7.35 22.54
N SER F 65 8.06 6.47 23.47
CA SER F 65 6.75 6.57 24.14
C SER F 65 6.72 7.71 25.14
#